data_2WKG
#
_entry.id   2WKG
#
_cell.length_a   93.731
_cell.length_b   93.731
_cell.length_c   257.042
_cell.angle_alpha   90.00
_cell.angle_beta   90.00
_cell.angle_gamma   120.00
#
_symmetry.space_group_name_H-M   'P 61 2 2'
#
_entity_poly.entity_id   1
_entity_poly.type   'polypeptide(L)'
_entity_poly.pdbx_seq_one_letter_code
;MQIQTPDWVKHAVFYQIFPDRFARSKQPRKRLLQEARWEDWDSMPTLQGYKGGDLWGIMEDLDYIQNLGINAIYFTPIFQ
SASNHRYHTHDYYQVDPMLGGNEAFKELLDAAHQRNIKVVLDGVFNHSSRGFFFFHDVLENGPHSPWVNWFKIEGWPLSP
YNGEFPANYVGWAGNRALPEFNHDNPEVREYIMEIAEYWLKFGIDGWRLDVPFEIKTPGFWQEFRDRTKAINPEAYIVGE
VWGDSRQWLDGTQFDGVMNYLFAGPTIAFAAGDRVVLEQVQSRDYQPYPPLFAAEYATKIQEVLQLYPWEIQLTQLNLLA
SHDTARLMTIAGGDIASVELSTLLLLTFPGAPSIYYGDEVGLPGGIDPDSRRGFPLEANWNQEIFNTHRQLITIRQTYPA
LRTGDYQVLYAQGQLYLFARTLGTEELIIAINAGTSSATANVDVASLHTQPNKLLYGTAEAEWNGEEGTQQLSLTLPARS
GCILGTGD
;
_entity_poly.pdbx_strand_id   A
#
# COMPACT_ATOMS: atom_id res chain seq x y z
N MET A 1 4.32 -23.28 -16.16
CA MET A 1 3.88 -22.40 -17.27
C MET A 1 4.32 -20.94 -17.05
N GLN A 2 4.04 -20.08 -18.02
CA GLN A 2 4.38 -18.67 -17.93
C GLN A 2 3.91 -18.11 -16.60
N ILE A 3 4.60 -17.08 -16.09
CA ILE A 3 4.18 -16.45 -14.85
C ILE A 3 3.15 -15.40 -15.24
N GLN A 4 1.98 -15.43 -14.61
CA GLN A 4 0.95 -14.45 -14.95
C GLN A 4 0.56 -13.61 -13.74
N THR A 5 0.16 -12.37 -13.99
CA THR A 5 -0.32 -11.50 -12.94
C THR A 5 -1.39 -10.53 -13.46
N PRO A 6 -2.40 -10.27 -12.66
CA PRO A 6 -3.56 -9.48 -13.09
C PRO A 6 -3.15 -8.24 -13.86
N ASP A 7 -3.68 -8.07 -15.06
CA ASP A 7 -3.23 -7.03 -15.98
C ASP A 7 -3.79 -5.67 -15.58
N TRP A 8 -4.85 -5.68 -14.78
CA TRP A 8 -5.46 -4.44 -14.29
C TRP A 8 -4.62 -3.82 -13.18
N VAL A 9 -4.00 -4.67 -12.37
CA VAL A 9 -2.98 -4.22 -11.42
C VAL A 9 -1.90 -3.40 -12.13
N LYS A 10 -1.59 -3.77 -13.36
CA LYS A 10 -0.43 -3.23 -14.06
C LYS A 10 -0.68 -1.78 -14.48
N HIS A 11 -1.95 -1.36 -14.43
CA HIS A 11 -2.33 -0.04 -14.93
C HIS A 11 -3.19 0.70 -13.90
N ALA A 12 -3.20 0.19 -12.67
CA ALA A 12 -3.99 0.80 -11.60
C ALA A 12 -3.14 1.77 -10.79
N VAL A 13 -3.78 2.82 -10.28
CA VAL A 13 -3.23 3.59 -9.16
C VAL A 13 -3.96 3.26 -7.86
N PHE A 14 -3.21 2.83 -6.86
CA PHE A 14 -3.80 2.42 -5.59
C PHE A 14 -3.89 3.51 -4.53
N TYR A 15 -4.90 3.39 -3.68
CA TYR A 15 -5.17 4.33 -2.62
C TYR A 15 -5.42 3.52 -1.35
N GLN A 16 -4.47 3.57 -0.40
CA GLN A 16 -4.63 2.81 0.84
C GLN A 16 -5.39 3.65 1.84
N ILE A 17 -6.45 3.07 2.40
CA ILE A 17 -7.29 3.76 3.37
C ILE A 17 -7.40 3.05 4.71
N PHE A 18 -7.52 3.86 5.75
CA PHE A 18 -7.69 3.38 7.11
C PHE A 18 -9.12 3.79 7.44
N PRO A 19 -10.08 2.91 7.14
CA PRO A 19 -11.53 3.05 7.34
C PRO A 19 -12.05 3.79 8.57
N ASP A 20 -11.48 3.51 9.73
CA ASP A 20 -11.93 4.16 10.96
C ASP A 20 -11.64 5.66 11.02
N ARG A 21 -10.65 6.12 10.27
CA ARG A 21 -10.27 7.53 10.28
C ARG A 21 -10.47 8.27 8.95
N PHE A 22 -10.93 7.59 7.91
CA PHE A 22 -11.09 8.25 6.62
C PHE A 22 -12.34 9.13 6.49
N ALA A 23 -13.53 8.55 6.56
CA ALA A 23 -14.73 9.36 6.44
C ALA A 23 -15.95 8.78 7.14
N ARG A 24 -16.78 9.66 7.67
CA ARG A 24 -18.00 9.28 8.37
C ARG A 24 -19.23 9.83 7.63
N SER A 25 -20.11 8.92 7.24
CA SER A 25 -21.24 9.27 6.38
C SER A 25 -22.24 10.15 7.12
N LYS A 26 -23.23 10.66 6.39
CA LYS A 26 -24.18 11.61 6.96
C LYS A 26 -25.15 10.90 7.90
N GLN A 27 -25.87 11.69 8.70
CA GLN A 27 -26.38 11.22 9.98
C GLN A 27 -27.19 9.93 9.82
N PRO A 28 -27.99 9.88 8.76
CA PRO A 28 -29.06 8.87 8.66
C PRO A 28 -28.50 7.47 8.43
N ARG A 29 -28.21 6.77 9.52
CA ARG A 29 -27.38 5.57 9.45
C ARG A 29 -27.60 4.68 10.67
N LYS A 30 -28.14 3.49 10.44
CA LYS A 30 -28.49 2.58 11.52
C LYS A 30 -27.32 1.67 11.88
N ARG A 31 -26.61 2.03 12.95
CA ARG A 31 -25.18 1.78 13.04
C ARG A 31 -24.89 0.35 13.48
N LEU A 32 -25.40 -0.01 14.65
CA LEU A 32 -25.24 -1.37 15.16
C LEU A 32 -26.58 -2.12 15.18
N LEU A 33 -27.62 -1.44 15.66
CA LEU A 33 -28.96 -1.99 15.62
C LEU A 33 -29.76 -1.43 14.45
N GLN A 34 -29.64 -2.10 13.30
CA GLN A 34 -30.40 -1.71 12.12
C GLN A 34 -31.88 -1.57 12.43
N GLU A 35 -32.50 -2.68 12.83
CA GLU A 35 -33.91 -2.67 13.20
C GLU A 35 -34.14 -1.94 14.51
N ALA A 36 -34.06 -0.61 14.46
CA ALA A 36 -34.20 0.22 15.66
C ALA A 36 -35.07 1.43 15.38
N ARG A 37 -36.03 1.67 16.27
CA ARG A 37 -36.90 2.84 16.17
C ARG A 37 -36.09 4.13 16.15
N TRP A 38 -36.24 4.90 15.08
CA TRP A 38 -35.65 6.24 15.00
C TRP A 38 -36.15 7.12 16.14
N GLU A 39 -37.19 6.66 16.83
CA GLU A 39 -37.75 7.41 17.96
C GLU A 39 -37.05 7.03 19.26
N ASP A 40 -36.50 5.82 19.30
CA ASP A 40 -35.70 5.38 20.43
C ASP A 40 -34.22 5.65 20.18
N TRP A 41 -33.90 6.17 19.01
CA TRP A 41 -32.51 6.28 18.56
C TRP A 41 -31.66 7.02 19.59
N ASP A 42 -32.10 8.21 19.97
CA ASP A 42 -31.35 9.05 20.90
C ASP A 42 -31.17 8.35 22.25
N SER A 43 -32.05 7.38 22.52
CA SER A 43 -31.94 6.58 23.74
C SER A 43 -30.64 5.78 23.77
N MET A 44 -30.13 5.47 22.57
CA MET A 44 -28.90 4.70 22.45
C MET A 44 -27.73 5.60 22.06
N PRO A 45 -26.94 6.01 23.05
CA PRO A 45 -25.91 7.02 22.84
C PRO A 45 -24.87 6.58 21.82
N THR A 46 -24.37 5.35 21.97
CA THR A 46 -23.31 4.85 21.12
C THR A 46 -23.61 5.10 19.64
N LEU A 47 -24.83 4.76 19.24
CA LEU A 47 -25.25 4.92 17.85
C LEU A 47 -25.66 6.36 17.56
N GLN A 48 -26.16 7.05 18.60
CA GLN A 48 -26.62 8.43 18.45
C GLN A 48 -25.51 9.32 17.90
N GLY A 49 -24.38 9.36 18.60
CA GLY A 49 -23.23 10.12 18.15
C GLY A 49 -21.95 9.30 18.13
N TYR A 50 -21.78 8.51 17.07
CA TYR A 50 -20.53 7.81 16.82
C TYR A 50 -19.57 8.66 16.00
N LYS A 51 -18.32 8.74 16.47
CA LYS A 51 -17.33 9.62 15.84
C LYS A 51 -16.73 8.97 14.60
N GLY A 52 -15.97 7.89 14.81
CA GLY A 52 -15.01 7.44 13.83
C GLY A 52 -15.64 7.06 12.50
N GLY A 53 -14.83 7.02 11.45
CA GLY A 53 -15.33 6.87 10.10
C GLY A 53 -15.94 5.49 9.86
N ASP A 54 -16.69 5.37 8.76
CA ASP A 54 -17.31 4.11 8.40
C ASP A 54 -17.19 3.85 6.90
N LEU A 55 -17.82 2.78 6.44
CA LEU A 55 -17.73 2.38 5.04
C LEU A 55 -18.75 3.14 4.19
N TRP A 56 -19.81 3.62 4.83
CA TRP A 56 -20.70 4.60 4.21
C TRP A 56 -19.93 5.86 3.81
N GLY A 57 -19.09 6.35 4.71
CA GLY A 57 -18.26 7.50 4.44
C GLY A 57 -17.46 7.35 3.15
N ILE A 58 -16.59 6.36 3.11
CA ILE A 58 -15.81 6.07 1.92
C ILE A 58 -16.72 6.04 0.70
N MET A 59 -17.77 5.24 0.75
CA MET A 59 -18.69 5.15 -0.38
C MET A 59 -19.25 6.51 -0.74
N GLU A 60 -19.53 7.31 0.28
CA GLU A 60 -20.08 8.65 0.07
C GLU A 60 -19.07 9.61 -0.53
N ASP A 61 -17.80 9.25 -0.47
CA ASP A 61 -16.76 10.11 -1.01
C ASP A 61 -16.01 9.51 -2.19
N LEU A 62 -16.66 8.60 -2.90
CA LEU A 62 -16.04 7.98 -4.05
C LEU A 62 -15.75 9.03 -5.10
N ASP A 63 -16.61 10.03 -5.19
CA ASP A 63 -16.43 11.11 -6.16
C ASP A 63 -15.04 11.68 -6.04
N TYR A 64 -14.69 12.09 -4.82
CA TYR A 64 -13.38 12.65 -4.56
C TYR A 64 -12.33 11.70 -5.09
N ILE A 65 -12.29 10.51 -4.49
CA ILE A 65 -11.35 9.46 -4.85
C ILE A 65 -11.17 9.25 -6.35
N GLN A 66 -12.25 8.93 -7.03
CA GLN A 66 -12.17 8.71 -8.47
C GLN A 66 -11.68 9.95 -9.19
N ASN A 67 -11.86 11.10 -8.57
CA ASN A 67 -11.44 12.34 -9.20
C ASN A 67 -9.93 12.53 -9.11
N LEU A 68 -9.33 11.99 -8.06
CA LEU A 68 -7.89 12.09 -7.89
C LEU A 68 -7.27 11.26 -9.01
N GLY A 69 -8.02 10.26 -9.46
CA GLY A 69 -7.56 9.41 -10.53
C GLY A 69 -7.18 8.03 -10.05
N ILE A 70 -7.44 7.73 -8.78
CA ILE A 70 -7.10 6.41 -8.29
C ILE A 70 -8.22 5.46 -8.73
N ASN A 71 -7.88 4.22 -9.03
CA ASN A 71 -8.90 3.29 -9.50
C ASN A 71 -8.90 1.92 -8.82
N ALA A 72 -8.42 1.88 -7.59
CA ALA A 72 -8.42 0.66 -6.81
C ALA A 72 -8.11 1.04 -5.37
N ILE A 73 -9.02 0.70 -4.46
CA ILE A 73 -8.83 0.97 -3.04
C ILE A 73 -8.51 -0.31 -2.26
N TYR A 74 -7.57 -0.20 -1.33
CA TYR A 74 -7.25 -1.31 -0.45
C TYR A 74 -7.00 -0.84 0.97
N PHE A 75 -7.70 -1.45 1.93
CA PHE A 75 -7.77 -0.91 3.29
C PHE A 75 -6.77 -1.60 4.21
N THR A 76 -6.78 -1.20 5.48
CA THR A 76 -6.35 -2.08 6.56
C THR A 76 -7.43 -3.13 6.87
N PRO A 77 -7.26 -3.84 7.97
CA PRO A 77 -8.26 -4.80 8.44
C PRO A 77 -9.59 -4.12 8.76
N ILE A 78 -10.69 -4.72 8.32
CA ILE A 78 -12.02 -4.15 8.55
C ILE A 78 -12.97 -5.19 9.12
N PHE A 79 -12.45 -6.37 9.41
CA PHE A 79 -13.25 -7.44 10.00
C PHE A 79 -13.46 -7.22 11.50
N GLN A 80 -14.53 -7.80 12.03
CA GLN A 80 -14.89 -7.58 13.42
C GLN A 80 -13.71 -7.82 14.36
N SER A 81 -13.37 -6.81 15.15
CA SER A 81 -12.34 -6.94 16.16
C SER A 81 -12.57 -5.97 17.31
N ALA A 82 -11.70 -6.04 18.32
CA ALA A 82 -11.73 -5.08 19.42
C ALA A 82 -11.84 -3.65 18.90
N SER A 83 -12.55 -2.81 19.64
CA SER A 83 -12.97 -1.51 19.13
C SER A 83 -11.80 -0.76 18.51
N ASN A 84 -10.60 -1.04 19.00
CA ASN A 84 -9.41 -0.33 18.57
C ASN A 84 -8.21 -1.26 18.37
N HIS A 85 -8.49 -2.50 17.98
CA HIS A 85 -7.44 -3.45 17.67
C HIS A 85 -7.74 -4.20 16.37
N ARG A 86 -7.97 -3.45 15.31
CA ARG A 86 -8.45 -4.03 14.05
C ARG A 86 -7.70 -5.30 13.70
N TYR A 87 -6.47 -5.41 14.22
CA TYR A 87 -5.57 -6.48 13.81
C TYR A 87 -5.70 -7.70 14.70
N HIS A 88 -6.52 -7.57 15.76
CA HIS A 88 -6.81 -8.69 16.64
C HIS A 88 -8.18 -9.21 16.21
N THR A 89 -8.21 -9.92 15.08
CA THR A 89 -9.45 -10.43 14.53
C THR A 89 -10.31 -11.22 15.52
N HIS A 90 -11.60 -10.94 15.50
CA HIS A 90 -12.56 -11.62 16.36
C HIS A 90 -13.39 -12.57 15.51
N ASP A 91 -13.78 -12.10 14.33
CA ASP A 91 -14.56 -12.89 13.38
C ASP A 91 -14.22 -12.49 11.96
N TYR A 92 -13.58 -13.39 11.23
CA TYR A 92 -13.20 -13.11 9.85
C TYR A 92 -14.36 -13.06 8.89
N TYR A 93 -15.50 -13.60 9.29
CA TYR A 93 -16.65 -13.75 8.40
C TYR A 93 -17.65 -12.62 8.58
N GLN A 94 -17.22 -11.55 9.25
CA GLN A 94 -18.06 -10.38 9.45
C GLN A 94 -17.24 -9.09 9.43
N VAL A 95 -17.60 -8.18 8.56
CA VAL A 95 -17.13 -6.79 8.65
C VAL A 95 -17.58 -6.15 9.96
N ASP A 96 -16.68 -5.37 10.55
CA ASP A 96 -16.86 -4.92 11.93
C ASP A 96 -18.10 -4.04 12.07
N PRO A 97 -18.88 -4.30 13.12
CA PRO A 97 -20.19 -3.67 13.27
C PRO A 97 -20.10 -2.31 13.95
N MET A 98 -19.08 -1.54 13.60
CA MET A 98 -19.01 -0.13 13.97
C MET A 98 -18.67 0.74 12.77
N LEU A 99 -17.71 0.30 11.98
CA LEU A 99 -17.07 1.16 10.98
C LEU A 99 -17.59 0.88 9.58
N GLY A 100 -18.66 0.10 9.51
CA GLY A 100 -18.84 -0.85 8.43
C GLY A 100 -20.07 -1.74 8.62
N GLY A 101 -20.56 -2.30 7.52
CA GLY A 101 -21.40 -3.49 7.58
C GLY A 101 -20.79 -4.65 6.83
N ASN A 102 -21.35 -5.84 7.06
CA ASN A 102 -21.58 -6.80 5.98
C ASN A 102 -22.69 -6.34 5.04
N GLU A 103 -23.52 -5.41 5.51
CA GLU A 103 -24.46 -4.71 4.65
C GLU A 103 -23.84 -3.45 4.05
N ALA A 104 -23.12 -2.71 4.89
CA ALA A 104 -22.44 -1.49 4.44
C ALA A 104 -21.38 -1.81 3.40
N PHE A 105 -20.44 -2.67 3.76
CA PHE A 105 -19.35 -3.04 2.86
C PHE A 105 -19.88 -3.46 1.50
N LYS A 106 -20.99 -4.19 1.50
CA LYS A 106 -21.62 -4.62 0.26
C LYS A 106 -21.96 -3.44 -0.64
N GLU A 107 -22.51 -2.38 -0.04
CA GLU A 107 -22.89 -1.19 -0.78
C GLU A 107 -21.66 -0.45 -1.30
N LEU A 108 -20.59 -0.46 -0.51
CA LEU A 108 -19.33 0.15 -0.92
C LEU A 108 -18.73 -0.58 -2.12
N LEU A 109 -18.74 -1.90 -2.07
CA LEU A 109 -18.22 -2.71 -3.16
C LEU A 109 -18.98 -2.35 -4.42
N ASP A 110 -20.25 -2.74 -4.46
CA ASP A 110 -21.14 -2.47 -5.60
C ASP A 110 -20.85 -1.08 -6.16
N ALA A 111 -20.90 -0.10 -5.26
CA ALA A 111 -20.66 1.30 -5.62
C ALA A 111 -19.32 1.46 -6.33
N ALA A 112 -18.27 0.99 -5.68
CA ALA A 112 -16.92 1.08 -6.23
C ALA A 112 -16.86 0.45 -7.60
N HIS A 113 -17.38 -0.77 -7.70
CA HIS A 113 -17.38 -1.50 -8.93
C HIS A 113 -18.11 -0.84 -10.10
N GLN A 114 -19.24 -0.20 -9.85
CA GLN A 114 -19.93 0.44 -10.95
C GLN A 114 -19.10 1.62 -11.48
N ARG A 115 -17.97 1.89 -10.83
CA ARG A 115 -17.08 2.96 -11.25
C ARG A 115 -15.74 2.39 -11.71
N ASN A 116 -15.63 1.06 -11.69
CA ASN A 116 -14.41 0.39 -12.10
C ASN A 116 -13.28 0.65 -11.14
N ILE A 117 -13.61 0.66 -9.85
CA ILE A 117 -12.62 0.85 -8.82
C ILE A 117 -12.56 -0.43 -8.02
N LYS A 118 -11.44 -1.15 -8.14
CA LYS A 118 -11.27 -2.40 -7.42
C LYS A 118 -11.14 -2.15 -5.92
N VAL A 119 -11.23 -3.22 -5.15
CA VAL A 119 -11.12 -3.12 -3.71
C VAL A 119 -10.40 -4.33 -3.14
N VAL A 120 -9.24 -4.09 -2.54
CA VAL A 120 -8.47 -5.17 -1.94
C VAL A 120 -8.56 -5.07 -0.40
N LEU A 121 -8.70 -6.21 0.25
CA LEU A 121 -8.79 -6.26 1.71
C LEU A 121 -7.54 -6.86 2.35
N ASP A 122 -7.27 -6.45 3.57
CA ASP A 122 -6.11 -6.90 4.34
C ASP A 122 -6.41 -8.18 5.11
N GLY A 123 -5.75 -9.27 4.73
CA GLY A 123 -5.95 -10.53 5.43
C GLY A 123 -4.89 -10.77 6.50
N VAL A 124 -5.33 -10.90 7.75
CA VAL A 124 -4.43 -11.16 8.86
C VAL A 124 -4.60 -12.60 9.29
N PHE A 125 -3.83 -13.51 8.71
CA PHE A 125 -3.99 -14.91 9.03
C PHE A 125 -2.92 -15.58 9.87
N ASN A 126 -1.92 -14.84 10.31
CA ASN A 126 -0.87 -15.44 11.13
C ASN A 126 -1.35 -15.55 12.56
N HIS A 127 -2.24 -14.65 12.94
CA HIS A 127 -2.75 -14.62 14.30
C HIS A 127 -4.09 -13.92 14.40
N SER A 128 -4.91 -14.33 15.37
CA SER A 128 -6.22 -13.74 15.58
C SER A 128 -6.28 -12.95 16.88
N SER A 129 -7.17 -13.32 17.78
CA SER A 129 -7.30 -12.60 19.03
C SER A 129 -7.84 -13.50 20.12
N ARG A 130 -7.78 -13.03 21.36
CA ARG A 130 -8.28 -13.79 22.49
C ARG A 130 -9.76 -14.09 22.21
N GLY A 131 -10.46 -13.10 21.64
CA GLY A 131 -11.87 -13.24 21.34
C GLY A 131 -12.24 -14.22 20.23
N PHE A 132 -11.32 -14.46 19.29
CA PHE A 132 -11.57 -15.38 18.19
C PHE A 132 -12.17 -16.66 18.77
N PHE A 133 -13.32 -17.06 18.25
CA PHE A 133 -14.02 -18.23 18.73
C PHE A 133 -13.22 -19.44 19.20
N PHE A 134 -12.51 -20.09 18.28
CA PHE A 134 -11.76 -21.29 18.67
C PHE A 134 -10.72 -21.07 19.77
N PHE A 135 -10.11 -19.90 19.78
CA PHE A 135 -9.13 -19.64 20.83
C PHE A 135 -9.96 -19.55 22.11
N HIS A 136 -11.05 -18.80 22.04
CA HIS A 136 -11.96 -18.64 23.16
C HIS A 136 -12.24 -20.01 23.79
N ASP A 137 -12.62 -20.97 22.95
CA ASP A 137 -12.89 -22.33 23.41
C ASP A 137 -11.73 -22.81 24.26
N VAL A 138 -10.52 -22.72 23.73
CA VAL A 138 -9.34 -23.15 24.47
C VAL A 138 -9.34 -22.51 25.84
N LEU A 139 -9.42 -21.18 25.88
CA LEU A 139 -9.43 -20.46 27.15
C LEU A 139 -10.50 -20.96 28.10
N GLU A 140 -11.67 -21.28 27.55
CA GLU A 140 -12.78 -21.75 28.35
C GLU A 140 -12.67 -23.22 28.75
N ASN A 141 -12.08 -24.05 27.89
CA ASN A 141 -11.96 -25.49 28.18
C ASN A 141 -10.54 -26.00 28.47
N GLY A 142 -9.60 -25.10 28.69
CA GLY A 142 -8.24 -25.52 28.97
C GLY A 142 -7.80 -26.77 28.21
N PRO A 143 -7.11 -27.71 28.87
CA PRO A 143 -6.62 -28.94 28.25
C PRO A 143 -7.66 -29.72 27.46
N HIS A 144 -8.93 -29.55 27.80
CA HIS A 144 -10.01 -30.28 27.13
C HIS A 144 -10.59 -29.67 25.86
N SER A 145 -10.16 -28.46 25.51
CA SER A 145 -10.67 -27.84 24.30
C SER A 145 -10.33 -28.69 23.07
N PRO A 146 -11.29 -28.86 22.16
CA PRO A 146 -11.14 -29.65 20.94
C PRO A 146 -10.10 -29.12 19.97
N TRP A 147 -9.81 -27.83 20.08
CA TRP A 147 -8.84 -27.21 19.18
C TRP A 147 -7.65 -26.63 19.93
N VAL A 148 -6.96 -27.45 20.69
CA VAL A 148 -5.78 -26.98 21.42
C VAL A 148 -4.64 -27.05 20.42
N ASN A 149 -4.77 -27.95 19.47
CA ASN A 149 -3.77 -28.16 18.43
C ASN A 149 -4.01 -27.21 17.26
N TRP A 150 -4.70 -26.11 17.53
CA TRP A 150 -4.98 -25.11 16.49
C TRP A 150 -4.08 -23.92 16.74
N PHE A 151 -3.49 -23.87 17.93
CA PHE A 151 -2.61 -22.76 18.29
C PHE A 151 -1.26 -23.24 18.79
N LYS A 152 -0.47 -22.30 19.31
CA LYS A 152 0.86 -22.60 19.83
C LYS A 152 0.82 -22.63 21.35
N ILE A 153 0.39 -23.74 21.94
CA ILE A 153 0.33 -23.80 23.39
C ILE A 153 1.50 -24.52 24.04
N GLU A 154 2.24 -23.76 24.85
CA GLU A 154 3.42 -24.23 25.57
C GLU A 154 3.07 -25.24 26.66
N GLY A 155 2.14 -24.84 27.54
CA GLY A 155 1.72 -25.69 28.62
C GLY A 155 0.55 -25.03 29.34
N TRP A 156 0.08 -25.63 30.43
CA TRP A 156 -1.03 -25.05 31.17
C TRP A 156 -0.62 -24.72 32.59
N PRO A 157 -1.34 -23.78 33.23
CA PRO A 157 -2.49 -23.05 32.69
C PRO A 157 -2.12 -21.76 31.96
N LEU A 158 -2.92 -21.43 30.94
CA LEU A 158 -2.71 -20.22 30.17
C LEU A 158 -3.15 -19.05 31.04
N SER A 159 -2.73 -17.85 30.67
CA SER A 159 -3.09 -16.65 31.42
C SER A 159 -3.25 -15.51 30.41
N PRO A 160 -4.25 -15.62 29.53
CA PRO A 160 -4.57 -14.67 28.47
C PRO A 160 -4.60 -13.19 28.84
N TYR A 161 -5.15 -12.86 29.99
CA TYR A 161 -5.25 -11.46 30.38
C TYR A 161 -4.37 -11.00 31.53
N ASN A 162 -3.92 -11.91 32.38
CA ASN A 162 -3.08 -11.51 33.50
C ASN A 162 -1.64 -11.36 33.07
N GLY A 163 -1.13 -10.13 33.14
CA GLY A 163 0.21 -9.83 32.70
C GLY A 163 1.27 -10.60 33.45
N GLU A 164 1.27 -10.45 34.77
CA GLU A 164 2.36 -10.97 35.60
C GLU A 164 2.24 -12.49 35.76
N PHE A 165 1.66 -13.15 34.78
CA PHE A 165 1.86 -14.60 34.55
C PHE A 165 2.30 -14.90 33.13
N PRO A 166 3.10 -15.95 32.98
CA PRO A 166 3.01 -16.83 31.81
C PRO A 166 1.57 -16.98 31.36
N ALA A 167 1.29 -16.52 30.15
CA ALA A 167 0.44 -17.27 29.23
C ALA A 167 1.26 -18.23 28.38
N ASN A 168 1.03 -19.52 28.56
CA ASN A 168 1.79 -20.55 27.84
C ASN A 168 1.27 -20.76 26.42
N TYR A 169 1.20 -19.68 25.66
CA TYR A 169 0.93 -19.78 24.23
C TYR A 169 1.62 -18.67 23.45
N VAL A 170 2.22 -19.02 22.32
CA VAL A 170 2.91 -18.05 21.48
C VAL A 170 1.96 -16.94 21.02
N GLY A 171 2.41 -15.70 21.15
CA GLY A 171 1.78 -14.59 20.46
C GLY A 171 2.50 -14.22 19.17
N TRP A 172 1.92 -13.27 18.43
CA TRP A 172 2.70 -12.45 17.52
C TRP A 172 3.69 -11.58 18.28
N ALA A 173 4.98 -11.81 18.05
CA ALA A 173 6.03 -11.00 18.67
C ALA A 173 5.87 -10.97 20.19
N GLY A 174 5.74 -12.16 20.79
CA GLY A 174 5.62 -12.27 22.23
C GLY A 174 4.50 -11.42 22.80
N ASN A 175 3.39 -11.36 22.08
CA ASN A 175 2.19 -10.72 22.59
C ASN A 175 1.07 -11.72 22.85
N ARG A 176 0.27 -11.46 23.88
CA ARG A 176 -0.74 -12.42 24.34
C ARG A 176 -2.13 -11.99 23.89
N ALA A 177 -2.20 -10.93 23.11
CA ALA A 177 -3.46 -10.47 22.53
C ALA A 177 -3.55 -10.89 21.06
N LEU A 178 -2.46 -11.47 20.54
CA LEU A 178 -2.39 -11.91 19.16
C LEU A 178 -2.05 -13.38 19.07
N PRO A 179 -2.95 -14.24 19.54
CA PRO A 179 -2.70 -15.68 19.50
C PRO A 179 -2.32 -16.16 18.11
N GLU A 180 -1.14 -16.74 17.98
CA GLU A 180 -0.69 -17.23 16.68
C GLU A 180 -1.34 -18.57 16.32
N PHE A 181 -1.74 -18.73 15.06
CA PHE A 181 -2.33 -19.97 14.61
C PHE A 181 -1.22 -21.01 14.42
N ASN A 182 -1.60 -22.27 14.32
CA ASN A 182 -0.64 -23.34 14.10
C ASN A 182 -0.83 -23.73 12.66
N HIS A 183 -0.22 -22.95 11.78
CA HIS A 183 -0.34 -23.17 10.35
C HIS A 183 0.02 -24.55 9.83
N ASP A 184 0.82 -25.28 10.60
CA ASP A 184 1.20 -26.64 10.19
C ASP A 184 -0.03 -27.53 10.18
N ASN A 185 -0.98 -27.21 11.07
CA ASN A 185 -2.22 -27.97 11.20
C ASN A 185 -3.12 -27.83 9.96
N PRO A 186 -3.36 -28.95 9.27
CA PRO A 186 -4.19 -29.01 8.06
C PRO A 186 -5.53 -28.31 8.22
N GLU A 187 -6.18 -28.59 9.35
CA GLU A 187 -7.48 -28.02 9.67
C GLU A 187 -7.45 -26.51 9.61
N VAL A 188 -6.34 -25.95 10.08
CA VAL A 188 -6.12 -24.51 10.10
C VAL A 188 -5.90 -23.95 8.69
N ARG A 189 -5.03 -24.60 7.92
CA ARG A 189 -4.76 -24.15 6.56
C ARG A 189 -6.08 -24.11 5.81
N GLU A 190 -6.95 -25.06 6.13
CA GLU A 190 -8.26 -25.14 5.50
C GLU A 190 -9.16 -23.96 5.86
N TYR A 191 -9.35 -23.75 7.15
CA TYR A 191 -10.19 -22.67 7.64
C TYR A 191 -9.75 -21.35 7.06
N ILE A 192 -8.45 -21.17 6.90
CA ILE A 192 -7.93 -19.94 6.35
C ILE A 192 -8.21 -19.85 4.86
N MET A 193 -7.96 -20.93 4.13
CA MET A 193 -8.20 -20.93 2.70
C MET A 193 -9.65 -20.56 2.40
N GLU A 194 -10.56 -21.01 3.25
CA GLU A 194 -11.98 -20.73 3.08
C GLU A 194 -12.33 -19.26 3.30
N ILE A 195 -11.70 -18.62 4.28
CA ILE A 195 -11.96 -17.22 4.55
C ILE A 195 -11.59 -16.45 3.28
N ALA A 196 -10.50 -16.85 2.65
CA ALA A 196 -10.02 -16.21 1.41
C ALA A 196 -11.00 -16.41 0.27
N GLU A 197 -11.56 -17.61 0.18
CA GLU A 197 -12.52 -17.94 -0.86
C GLU A 197 -13.84 -17.23 -0.62
N TYR A 198 -14.25 -17.17 0.64
CA TYR A 198 -15.49 -16.53 1.01
C TYR A 198 -15.56 -15.09 0.56
N TRP A 199 -14.53 -14.33 0.89
CA TRP A 199 -14.52 -12.93 0.51
C TRP A 199 -14.35 -12.70 -0.96
N LEU A 200 -13.66 -13.60 -1.63
CA LEU A 200 -13.46 -13.48 -3.07
C LEU A 200 -14.82 -13.67 -3.71
N LYS A 201 -15.57 -14.65 -3.22
CA LYS A 201 -16.90 -14.91 -3.75
C LYS A 201 -17.79 -13.72 -3.45
N PHE A 202 -17.64 -13.15 -2.25
CA PHE A 202 -18.42 -11.98 -1.86
C PHE A 202 -18.27 -10.89 -2.92
N GLY A 203 -17.06 -10.75 -3.46
CA GLY A 203 -16.84 -9.75 -4.49
C GLY A 203 -15.57 -8.90 -4.45
N ILE A 204 -14.63 -9.21 -3.56
CA ILE A 204 -13.39 -8.43 -3.47
C ILE A 204 -12.46 -8.74 -4.62
N ASP A 205 -11.57 -7.81 -4.94
CA ASP A 205 -10.64 -7.94 -6.06
C ASP A 205 -9.22 -8.38 -5.73
N GLY A 206 -8.97 -8.74 -4.47
CA GLY A 206 -7.64 -9.16 -4.10
C GLY A 206 -7.46 -9.17 -2.61
N TRP A 207 -6.34 -9.73 -2.16
CA TRP A 207 -5.98 -9.72 -0.74
C TRP A 207 -4.66 -8.99 -0.51
N ARG A 208 -4.64 -8.14 0.51
CA ARG A 208 -3.37 -7.70 1.10
C ARG A 208 -2.95 -8.62 2.24
N LEU A 209 -1.80 -9.26 2.09
CA LEU A 209 -1.34 -10.25 3.04
C LEU A 209 -0.46 -9.61 4.11
N ASP A 210 -0.94 -9.64 5.36
CA ASP A 210 -0.25 -8.99 6.46
C ASP A 210 0.78 -9.90 7.09
N VAL A 211 2.02 -9.42 7.21
CA VAL A 211 3.10 -10.19 7.82
C VAL A 211 3.05 -11.64 7.34
N PRO A 212 2.86 -11.85 6.03
CA PRO A 212 2.79 -13.20 5.45
C PRO A 212 4.05 -14.05 5.58
N PHE A 213 5.16 -13.42 5.94
CA PHE A 213 6.42 -14.13 6.07
C PHE A 213 6.53 -14.91 7.36
N GLU A 214 5.54 -14.76 8.23
CA GLU A 214 5.55 -15.48 9.50
C GLU A 214 5.03 -16.89 9.29
N ILE A 215 4.11 -17.02 8.33
CA ILE A 215 3.53 -18.31 8.00
C ILE A 215 4.57 -19.07 7.20
N LYS A 216 5.26 -19.99 7.87
CA LYS A 216 6.32 -20.76 7.24
C LYS A 216 5.97 -22.18 6.82
N THR A 217 4.73 -22.59 6.99
CA THR A 217 4.34 -23.93 6.60
C THR A 217 4.52 -24.10 5.09
N PRO A 218 5.40 -25.02 4.68
CA PRO A 218 5.67 -25.27 3.27
C PRO A 218 4.45 -25.66 2.42
N GLY A 219 4.30 -24.98 1.30
CA GLY A 219 3.21 -25.25 0.38
C GLY A 219 2.00 -24.37 0.61
N PHE A 220 2.01 -23.66 1.73
CA PHE A 220 0.92 -22.79 2.13
C PHE A 220 0.48 -21.78 1.05
N TRP A 221 1.29 -20.75 0.85
CA TRP A 221 0.98 -19.71 -0.11
C TRP A 221 0.77 -20.13 -1.55
N GLN A 222 1.24 -21.31 -1.92
CA GLN A 222 1.04 -21.76 -3.29
C GLN A 222 -0.41 -22.15 -3.35
N GLU A 223 -0.85 -22.85 -2.30
CA GLU A 223 -2.23 -23.30 -2.20
C GLU A 223 -3.13 -22.08 -2.15
N PHE A 224 -2.73 -21.10 -1.34
CA PHE A 224 -3.47 -19.86 -1.18
C PHE A 224 -3.69 -19.22 -2.55
N ARG A 225 -2.68 -19.32 -3.41
CA ARG A 225 -2.77 -18.74 -4.73
C ARG A 225 -3.66 -19.54 -5.67
N ASP A 226 -3.71 -20.84 -5.47
CA ASP A 226 -4.53 -21.71 -6.31
C ASP A 226 -5.99 -21.59 -6.01
N ARG A 227 -6.33 -21.75 -4.73
CA ARG A 227 -7.70 -21.65 -4.26
C ARG A 227 -8.28 -20.27 -4.52
N THR A 228 -7.41 -19.25 -4.48
CA THR A 228 -7.81 -17.86 -4.74
C THR A 228 -8.02 -17.64 -6.23
N LYS A 229 -6.97 -17.85 -7.00
CA LYS A 229 -7.04 -17.64 -8.44
C LYS A 229 -8.15 -18.47 -9.07
N ALA A 230 -8.49 -19.58 -8.42
CA ALA A 230 -9.54 -20.49 -8.86
C ALA A 230 -10.91 -19.81 -8.84
N ILE A 231 -11.14 -19.02 -7.80
CA ILE A 231 -12.40 -18.31 -7.64
C ILE A 231 -12.46 -17.06 -8.50
N ASN A 232 -11.29 -16.44 -8.70
CA ASN A 232 -11.17 -15.26 -9.55
C ASN A 232 -9.73 -15.17 -10.05
N PRO A 233 -9.49 -15.58 -11.31
CA PRO A 233 -8.15 -15.55 -11.88
C PRO A 233 -7.54 -14.14 -11.97
N GLU A 234 -8.36 -13.12 -11.79
CA GLU A 234 -7.92 -11.74 -11.89
C GLU A 234 -7.76 -11.10 -10.52
N ALA A 235 -7.72 -11.93 -9.48
CA ALA A 235 -7.56 -11.45 -8.12
C ALA A 235 -6.12 -11.06 -7.84
N TYR A 236 -5.94 -10.00 -7.04
CA TYR A 236 -4.60 -9.50 -6.74
C TYR A 236 -4.12 -9.98 -5.38
N ILE A 237 -2.98 -10.66 -5.36
CA ILE A 237 -2.40 -11.14 -4.12
C ILE A 237 -1.12 -10.39 -3.78
N VAL A 238 -1.22 -9.46 -2.83
CA VAL A 238 -0.08 -8.65 -2.44
C VAL A 238 0.37 -8.98 -1.02
N GLY A 239 1.67 -9.28 -0.88
CA GLY A 239 2.24 -9.56 0.42
C GLY A 239 2.86 -8.30 1.01
N GLU A 240 2.71 -8.09 2.30
CA GLU A 240 3.28 -6.92 2.94
C GLU A 240 4.62 -7.34 3.51
N VAL A 241 5.51 -7.80 2.64
CA VAL A 241 6.84 -8.24 3.03
C VAL A 241 7.72 -6.99 3.00
N TRP A 242 8.52 -6.80 4.04
CA TRP A 242 9.40 -5.63 4.14
C TRP A 242 10.51 -5.61 3.08
N GLY A 243 11.50 -6.48 3.21
CA GLY A 243 12.60 -6.50 2.26
C GLY A 243 12.54 -7.52 1.12
N ASP A 244 13.71 -8.07 0.77
CA ASP A 244 13.84 -9.04 -0.32
C ASP A 244 12.77 -10.11 -0.26
N SER A 245 11.86 -10.06 -1.23
CA SER A 245 10.73 -10.99 -1.29
C SER A 245 10.81 -12.08 -2.35
N ARG A 246 12.00 -12.39 -2.84
CA ARG A 246 12.13 -13.41 -3.89
C ARG A 246 11.57 -14.77 -3.52
N GLN A 247 11.51 -15.05 -2.23
CA GLN A 247 11.00 -16.32 -1.78
C GLN A 247 9.56 -16.51 -2.23
N TRP A 248 8.78 -15.44 -2.16
CA TRP A 248 7.37 -15.48 -2.52
C TRP A 248 7.07 -15.01 -3.93
N LEU A 249 8.04 -14.37 -4.57
CA LEU A 249 7.82 -13.88 -5.91
C LEU A 249 8.50 -14.71 -6.98
N ASP A 250 8.14 -15.98 -7.04
CA ASP A 250 8.66 -16.89 -8.05
C ASP A 250 7.53 -17.16 -9.06
N GLY A 251 6.34 -16.62 -8.77
CA GLY A 251 5.23 -16.78 -9.67
C GLY A 251 4.19 -17.81 -9.24
N THR A 252 4.47 -18.51 -8.14
CA THR A 252 3.54 -19.53 -7.66
C THR A 252 2.97 -19.21 -6.29
N GLN A 253 3.12 -17.95 -5.87
CA GLN A 253 2.60 -17.51 -4.58
C GLN A 253 1.96 -16.13 -4.72
N PHE A 254 2.68 -15.07 -4.39
CA PHE A 254 2.10 -13.73 -4.51
C PHE A 254 2.27 -13.12 -5.90
N ASP A 255 1.40 -12.18 -6.24
CA ASP A 255 1.54 -11.44 -7.49
C ASP A 255 2.58 -10.34 -7.37
N GLY A 256 3.00 -10.08 -6.14
CA GLY A 256 3.74 -8.86 -5.84
C GLY A 256 3.99 -8.68 -4.35
N VAL A 257 4.67 -7.60 -3.99
CA VAL A 257 4.70 -7.14 -2.61
C VAL A 257 4.51 -5.63 -2.54
N MET A 258 4.25 -5.12 -1.33
CA MET A 258 4.40 -3.70 -1.04
C MET A 258 5.87 -3.30 -1.03
N ASN A 259 6.31 -2.63 -2.09
CA ASN A 259 7.72 -2.59 -2.43
C ASN A 259 8.49 -1.55 -1.61
N TYR A 260 8.70 -1.86 -0.35
CA TYR A 260 9.43 -0.97 0.55
C TYR A 260 10.88 -0.80 0.07
N LEU A 261 11.39 -1.80 -0.63
CA LEU A 261 12.71 -1.72 -1.23
C LEU A 261 12.81 -0.54 -2.20
N PHE A 262 11.66 -0.03 -2.62
CA PHE A 262 11.61 1.12 -3.51
C PHE A 262 11.40 2.37 -2.68
N ALA A 263 10.69 2.22 -1.56
CA ALA A 263 10.39 3.35 -0.68
C ALA A 263 11.62 3.91 0.02
N GLY A 264 12.45 3.00 0.53
CA GLY A 264 13.67 3.41 1.23
C GLY A 264 14.55 4.34 0.40
N PRO A 265 15.18 3.83 -0.66
CA PRO A 265 16.07 4.59 -1.54
C PRO A 265 15.45 5.86 -2.11
N THR A 266 14.22 5.77 -2.60
CA THR A 266 13.57 6.92 -3.18
C THR A 266 13.56 8.10 -2.23
N ILE A 267 13.17 7.85 -0.99
CA ILE A 267 13.12 8.90 0.01
C ILE A 267 14.54 9.29 0.41
N ALA A 268 15.42 8.30 0.53
CA ALA A 268 16.81 8.57 0.88
C ALA A 268 17.47 9.51 -0.13
N PHE A 269 17.05 9.41 -1.40
CA PHE A 269 17.60 10.26 -2.45
C PHE A 269 16.84 11.59 -2.58
N ALA A 270 15.51 11.51 -2.67
CA ALA A 270 14.66 12.69 -2.81
C ALA A 270 14.61 13.66 -1.62
N ALA A 271 14.84 13.15 -0.41
CA ALA A 271 14.82 14.00 0.78
C ALA A 271 16.22 14.15 1.39
N GLY A 272 17.01 13.09 1.32
CA GLY A 272 18.36 13.12 1.84
C GLY A 272 18.38 13.46 3.31
N ASP A 273 19.27 14.37 3.69
CA ASP A 273 19.40 14.81 5.09
C ASP A 273 18.06 15.25 5.68
N ARG A 274 17.18 15.80 4.84
CA ARG A 274 15.87 16.29 5.27
C ARG A 274 15.00 15.26 6.00
N VAL A 275 15.29 13.97 5.83
CA VAL A 275 14.52 12.94 6.50
C VAL A 275 14.58 13.12 8.01
N VAL A 276 13.42 13.32 8.63
CA VAL A 276 13.30 13.52 10.08
C VAL A 276 14.11 12.50 10.90
N LEU A 277 13.98 11.23 10.53
CA LEU A 277 14.76 10.17 11.15
C LEU A 277 14.13 9.72 12.47
N GLU A 278 13.24 10.56 13.01
CA GLU A 278 12.50 10.22 14.21
C GLU A 278 11.20 9.49 13.87
N GLN A 279 10.65 9.80 12.70
CA GLN A 279 9.45 9.14 12.22
C GLN A 279 9.79 7.89 11.41
N VAL A 280 11.07 7.66 11.20
CA VAL A 280 11.53 6.49 10.46
C VAL A 280 11.10 5.20 11.16
N GLN A 281 10.10 4.54 10.60
CA GLN A 281 9.89 3.12 10.85
C GLN A 281 11.06 2.29 10.32
N SER A 282 12.13 2.24 11.10
CA SER A 282 13.36 1.59 10.68
C SER A 282 13.13 0.10 10.42
N ARG A 283 12.02 -0.42 10.93
CA ARG A 283 11.67 -1.82 10.74
C ARG A 283 11.26 -2.08 9.29
N ASP A 284 10.46 -1.18 8.74
CA ASP A 284 9.82 -1.41 7.45
C ASP A 284 10.78 -1.12 6.30
N TYR A 285 11.39 0.06 6.32
CA TYR A 285 12.27 0.49 5.25
C TYR A 285 13.43 1.33 5.78
N GLN A 286 14.45 1.52 4.94
CA GLN A 286 15.60 2.33 5.31
C GLN A 286 15.72 3.55 4.40
N PRO A 287 15.04 4.62 4.77
CA PRO A 287 15.15 5.90 4.05
C PRO A 287 16.38 6.69 4.49
N TYR A 288 17.55 6.04 4.45
CA TYR A 288 18.73 6.56 5.14
C TYR A 288 19.89 5.57 5.06
N PRO A 289 21.09 6.10 4.91
CA PRO A 289 21.31 7.56 4.91
C PRO A 289 21.00 8.17 3.54
N PRO A 290 21.22 9.47 3.41
CA PRO A 290 20.93 10.18 2.15
C PRO A 290 21.69 9.57 0.98
N LEU A 291 21.12 9.65 -0.22
CA LEU A 291 21.70 9.00 -1.38
C LEU A 291 22.03 10.03 -2.47
N PHE A 292 23.02 9.71 -3.29
CA PHE A 292 23.37 10.54 -4.43
C PHE A 292 22.77 9.82 -5.62
N ALA A 293 22.61 10.53 -6.72
CA ALA A 293 22.04 9.95 -7.92
C ALA A 293 22.71 8.63 -8.30
N ALA A 294 24.04 8.61 -8.29
CA ALA A 294 24.76 7.40 -8.66
C ALA A 294 24.43 6.22 -7.75
N GLU A 295 24.19 6.51 -6.47
CA GLU A 295 23.87 5.46 -5.50
C GLU A 295 22.42 5.01 -5.64
N TYR A 296 21.53 5.98 -5.79
CA TYR A 296 20.12 5.70 -5.96
C TYR A 296 19.94 4.77 -7.16
N ALA A 297 20.59 5.10 -8.27
CA ALA A 297 20.51 4.29 -9.49
C ALA A 297 20.98 2.86 -9.25
N THR A 298 22.14 2.71 -8.63
CA THR A 298 22.65 1.38 -8.35
C THR A 298 21.65 0.57 -7.53
N LYS A 299 21.09 1.19 -6.50
CA LYS A 299 20.13 0.50 -5.67
C LYS A 299 18.84 0.19 -6.42
N ILE A 300 18.35 1.13 -7.22
CA ILE A 300 17.13 0.87 -7.96
C ILE A 300 17.35 -0.18 -9.03
N GLN A 301 18.44 -0.07 -9.78
CA GLN A 301 18.72 -1.04 -10.82
C GLN A 301 18.78 -2.42 -10.19
N GLU A 302 19.21 -2.47 -8.94
CA GLU A 302 19.31 -3.72 -8.20
C GLU A 302 17.90 -4.24 -7.90
N VAL A 303 17.09 -3.38 -7.28
CA VAL A 303 15.72 -3.70 -6.93
C VAL A 303 14.95 -4.17 -8.16
N LEU A 304 15.22 -3.52 -9.29
CA LEU A 304 14.55 -3.85 -10.53
C LEU A 304 14.93 -5.19 -11.13
N GLN A 305 16.20 -5.56 -11.04
CA GLN A 305 16.66 -6.83 -11.59
C GLN A 305 16.58 -7.91 -10.51
N LEU A 306 15.60 -7.77 -9.62
CA LEU A 306 15.43 -8.69 -8.51
C LEU A 306 14.28 -9.68 -8.68
N TYR A 307 13.20 -9.22 -9.32
CA TYR A 307 12.02 -10.06 -9.51
C TYR A 307 11.69 -10.20 -11.00
N PRO A 308 11.02 -11.31 -11.37
CA PRO A 308 10.63 -11.58 -12.76
C PRO A 308 9.84 -10.37 -13.22
N TRP A 309 10.13 -9.84 -14.40
CA TRP A 309 9.44 -8.63 -14.82
C TRP A 309 7.93 -8.66 -14.75
N GLU A 310 7.33 -9.82 -15.00
CA GLU A 310 5.87 -9.90 -14.94
C GLU A 310 5.38 -9.45 -13.57
N ILE A 311 6.10 -9.89 -12.53
CA ILE A 311 5.77 -9.56 -11.16
C ILE A 311 6.12 -8.11 -10.81
N GLN A 312 7.23 -7.62 -11.34
CA GLN A 312 7.63 -6.25 -11.05
C GLN A 312 6.49 -5.32 -11.50
N LEU A 313 5.80 -5.73 -12.56
CA LEU A 313 4.71 -4.94 -13.12
C LEU A 313 3.45 -4.96 -12.26
N THR A 314 3.43 -5.86 -11.29
CA THR A 314 2.31 -5.95 -10.37
C THR A 314 2.79 -5.88 -8.94
N GLN A 315 3.80 -5.03 -8.74
CA GLN A 315 4.39 -4.78 -7.44
C GLN A 315 3.62 -3.55 -6.96
N LEU A 316 3.45 -3.42 -5.65
CA LEU A 316 2.72 -2.26 -5.14
C LEU A 316 3.74 -1.25 -4.59
N ASN A 317 4.05 -0.23 -5.37
CA ASN A 317 5.01 0.78 -4.95
C ASN A 317 4.37 1.77 -3.99
N LEU A 318 5.17 2.28 -3.05
CA LEU A 318 4.67 3.22 -2.08
C LEU A 318 5.76 4.04 -1.42
N LEU A 319 5.36 4.97 -0.57
CA LEU A 319 6.30 5.75 0.24
C LEU A 319 5.82 5.88 1.68
N ALA A 320 4.55 5.54 1.90
CA ALA A 320 3.98 5.58 3.24
C ALA A 320 3.05 4.39 3.48
N SER A 321 2.73 4.14 4.74
CA SER A 321 1.71 3.16 5.09
C SER A 321 1.22 3.35 6.52
N HIS A 322 0.07 2.77 6.84
CA HIS A 322 -0.44 2.79 8.21
C HIS A 322 0.67 2.49 9.21
N ASP A 323 1.64 1.68 8.80
CA ASP A 323 2.72 1.25 9.67
C ASP A 323 3.79 2.34 9.79
N THR A 324 3.77 3.29 8.87
CA THR A 324 4.82 4.30 8.78
C THR A 324 4.28 5.69 9.04
N ALA A 325 5.18 6.66 9.14
CA ALA A 325 4.79 8.07 9.13
C ALA A 325 4.37 8.51 7.73
N ARG A 326 3.54 9.55 7.67
CA ARG A 326 3.10 10.09 6.39
C ARG A 326 4.25 10.74 5.64
N LEU A 327 4.08 10.91 4.33
CA LEU A 327 5.13 11.47 3.49
C LEU A 327 5.51 12.88 3.91
N MET A 328 4.54 13.78 3.93
CA MET A 328 4.78 15.17 4.29
C MET A 328 5.57 15.31 5.60
N THR A 329 5.30 14.42 6.55
CA THR A 329 5.96 14.44 7.84
C THR A 329 7.37 13.88 7.80
N ILE A 330 7.54 12.72 7.17
CA ILE A 330 8.87 12.12 7.12
C ILE A 330 9.89 13.02 6.44
N ALA A 331 9.41 13.95 5.60
CA ALA A 331 10.29 14.88 4.88
C ALA A 331 10.45 16.18 5.66
N GLY A 332 9.96 16.17 6.90
CA GLY A 332 10.06 17.34 7.74
C GLY A 332 9.37 18.57 7.19
N GLY A 333 8.32 18.37 6.40
CA GLY A 333 7.60 19.50 5.83
C GLY A 333 8.15 19.98 4.49
N ASP A 334 9.29 19.44 4.08
CA ASP A 334 9.91 19.83 2.81
C ASP A 334 9.04 19.43 1.63
N ILE A 335 8.30 20.40 1.10
CA ILE A 335 7.41 20.13 -0.02
C ILE A 335 8.15 19.58 -1.24
N ALA A 336 9.40 20.00 -1.43
CA ALA A 336 10.18 19.53 -2.56
C ALA A 336 10.31 18.00 -2.45
N SER A 337 10.78 17.54 -1.30
CA SER A 337 10.94 16.11 -1.10
C SER A 337 9.64 15.38 -1.43
N VAL A 338 8.52 15.98 -1.06
CA VAL A 338 7.21 15.36 -1.30
C VAL A 338 6.85 15.29 -2.79
N GLU A 339 7.26 16.27 -3.58
CA GLU A 339 6.95 16.28 -5.00
C GLU A 339 7.92 15.41 -5.80
N LEU A 340 9.16 15.34 -5.34
CA LEU A 340 10.15 14.55 -6.02
C LEU A 340 9.89 13.06 -5.82
N SER A 341 9.54 12.68 -4.60
CA SER A 341 9.25 11.28 -4.29
C SER A 341 8.15 10.79 -5.19
N THR A 342 6.97 11.39 -5.03
CA THR A 342 5.81 11.04 -5.81
C THR A 342 6.17 10.85 -7.29
N LEU A 343 6.92 11.82 -7.82
CA LEU A 343 7.33 11.79 -9.23
C LEU A 343 8.00 10.46 -9.57
N LEU A 344 8.87 10.00 -8.70
CA LEU A 344 9.55 8.74 -8.91
C LEU A 344 8.56 7.58 -8.75
N LEU A 345 7.67 7.73 -7.77
CA LEU A 345 6.65 6.74 -7.43
C LEU A 345 5.65 6.54 -8.57
N LEU A 346 5.24 7.63 -9.19
CA LEU A 346 4.28 7.54 -10.28
C LEU A 346 4.91 7.32 -11.64
N THR A 347 6.23 7.16 -11.68
CA THR A 347 6.90 6.91 -12.96
C THR A 347 7.75 5.65 -12.86
N PHE A 348 7.43 4.82 -11.88
CA PHE A 348 8.18 3.59 -11.65
C PHE A 348 7.32 2.42 -12.11
N PRO A 349 7.95 1.39 -12.70
CA PRO A 349 7.18 0.22 -13.15
C PRO A 349 6.53 -0.52 -12.00
N GLY A 350 5.21 -0.59 -12.03
CA GLY A 350 4.48 -1.26 -10.98
C GLY A 350 3.29 -0.41 -10.59
N ALA A 351 2.50 -0.90 -9.66
CA ALA A 351 1.34 -0.17 -9.22
C ALA A 351 1.68 0.82 -8.13
N PRO A 352 1.53 2.12 -8.42
CA PRO A 352 1.82 3.13 -7.41
C PRO A 352 0.75 3.12 -6.34
N SER A 353 1.16 3.30 -5.10
CA SER A 353 0.22 3.33 -3.98
C SER A 353 0.31 4.66 -3.24
N ILE A 354 -0.84 5.29 -3.03
CA ILE A 354 -0.91 6.54 -2.33
C ILE A 354 -1.65 6.37 -1.01
N TYR A 355 -0.96 6.68 0.09
CA TYR A 355 -1.57 6.56 1.42
C TYR A 355 -2.52 7.74 1.56
N TYR A 356 -3.79 7.47 1.88
CA TYR A 356 -4.77 8.54 2.00
C TYR A 356 -4.21 9.67 2.84
N GLY A 357 -4.46 10.89 2.40
CA GLY A 357 -3.95 12.04 3.13
C GLY A 357 -2.76 12.69 2.47
N ASP A 358 -1.85 11.89 1.93
CA ASP A 358 -0.65 12.40 1.28
C ASP A 358 -0.91 13.22 0.02
N GLU A 359 -2.02 12.95 -0.68
CA GLU A 359 -2.35 13.71 -1.88
C GLU A 359 -2.67 15.13 -1.49
N VAL A 360 -2.68 15.39 -0.19
CA VAL A 360 -2.80 16.75 0.32
C VAL A 360 -1.87 16.97 1.50
N GLY A 361 -1.94 18.16 2.11
CA GLY A 361 -0.89 18.64 2.99
C GLY A 361 -0.68 17.74 4.18
N LEU A 362 -1.57 16.77 4.36
CA LEU A 362 -1.78 16.15 5.66
C LEU A 362 -0.50 15.49 6.17
N PRO A 363 -0.09 15.85 7.38
CA PRO A 363 1.03 15.19 8.05
C PRO A 363 0.59 13.91 8.75
N GLY A 364 1.51 13.28 9.47
CA GLY A 364 1.23 12.01 10.12
C GLY A 364 2.41 11.49 10.91
N GLY A 365 2.30 11.49 12.23
CA GLY A 365 3.31 10.91 13.09
C GLY A 365 3.46 9.42 12.89
N ILE A 366 4.61 8.88 13.30
CA ILE A 366 4.83 7.45 13.28
C ILE A 366 4.17 6.77 14.47
N ASP A 367 4.28 7.40 15.64
CA ASP A 367 3.84 6.79 16.89
C ASP A 367 2.34 6.55 16.90
N PRO A 368 1.87 5.80 17.89
CA PRO A 368 0.50 5.27 17.88
C PRO A 368 -0.50 6.30 18.38
N ASP A 369 -1.50 6.61 17.56
CA ASP A 369 -1.97 7.99 17.42
C ASP A 369 -0.83 8.94 17.06
N SER A 370 -0.40 8.88 15.80
CA SER A 370 -1.26 9.24 14.68
C SER A 370 -1.07 10.70 14.28
N ARG A 371 -2.01 11.22 13.50
CA ARG A 371 -3.43 10.94 13.71
C ARG A 371 -4.15 10.67 12.38
N ARG A 372 -4.42 11.74 11.64
CA ARG A 372 -5.64 12.51 11.84
C ARG A 372 -6.62 12.30 10.69
N GLY A 373 -6.10 11.87 9.55
CA GLY A 373 -6.63 10.71 8.86
C GLY A 373 -8.07 10.89 8.42
N PHE A 374 -8.63 12.06 8.73
CA PHE A 374 -9.55 12.72 7.82
C PHE A 374 -8.86 13.84 7.04
N PRO A 375 -8.23 13.47 5.93
CA PRO A 375 -8.29 14.29 4.71
C PRO A 375 -9.65 14.95 4.53
N LEU A 376 -9.65 16.23 4.21
CA LEU A 376 -10.85 17.05 4.32
C LEU A 376 -11.43 17.00 5.75
N GLU A 377 -10.78 17.73 6.66
CA GLU A 377 -10.79 19.19 6.60
C GLU A 377 -9.85 19.70 5.52
N ALA A 378 -10.40 20.49 4.60
CA ALA A 378 -9.59 21.38 3.78
C ALA A 378 -9.10 22.57 4.59
N ASN A 379 -8.52 23.55 3.91
CA ASN A 379 -7.14 23.94 4.14
C ASN A 379 -6.15 22.91 3.59
N TRP A 380 -6.44 22.38 2.41
CA TRP A 380 -5.56 21.42 1.76
C TRP A 380 -4.19 22.04 1.45
N ASN A 381 -3.27 21.22 0.97
CA ASN A 381 -2.13 21.72 0.20
C ASN A 381 -2.37 21.61 -1.31
N GLN A 382 -3.02 22.62 -1.87
CA GLN A 382 -3.55 22.52 -3.23
C GLN A 382 -2.48 22.09 -4.22
N GLU A 383 -1.27 22.64 -4.05
CA GLU A 383 -0.20 22.43 -4.99
C GLU A 383 0.23 20.97 -5.04
N ILE A 384 0.61 20.43 -3.89
CA ILE A 384 0.96 19.03 -3.77
C ILE A 384 -0.19 18.13 -4.24
N PHE A 385 -1.41 18.58 -4.00
CA PHE A 385 -2.59 17.90 -4.53
C PHE A 385 -2.59 17.92 -6.05
N ASN A 386 -2.40 19.10 -6.63
CA ASN A 386 -2.36 19.24 -8.08
C ASN A 386 -1.20 18.48 -8.68
N THR A 387 -0.13 18.33 -7.91
CA THR A 387 1.03 17.58 -8.37
C THR A 387 0.56 16.12 -8.50
N HIS A 388 -0.07 15.63 -7.43
CA HIS A 388 -0.59 14.27 -7.38
C HIS A 388 -1.59 14.00 -8.50
N ARG A 389 -2.61 14.85 -8.59
CA ARG A 389 -3.64 14.69 -9.60
C ARG A 389 -3.13 14.81 -11.04
N GLN A 390 -2.12 15.65 -11.23
CA GLN A 390 -1.52 15.87 -12.55
C GLN A 390 -0.67 14.68 -12.96
N LEU A 391 0.23 14.27 -12.07
CA LEU A 391 1.10 13.13 -12.33
C LEU A 391 0.30 11.85 -12.59
N ILE A 392 -0.86 11.72 -11.95
CA ILE A 392 -1.69 10.53 -12.13
C ILE A 392 -2.34 10.52 -13.50
N THR A 393 -2.79 11.68 -13.95
CA THR A 393 -3.41 11.77 -15.26
C THR A 393 -2.35 11.39 -16.29
N ILE A 394 -1.15 11.95 -16.14
CA ILE A 394 -0.05 11.67 -17.05
C ILE A 394 0.28 10.19 -17.09
N ARG A 395 0.45 9.58 -15.92
CA ARG A 395 0.78 8.16 -15.87
C ARG A 395 -0.27 7.32 -16.60
N GLN A 396 -1.53 7.74 -16.50
CA GLN A 396 -2.62 7.01 -17.14
C GLN A 396 -2.71 7.35 -18.62
N THR A 397 -2.02 8.42 -19.00
CA THR A 397 -1.98 8.90 -20.37
C THR A 397 -0.90 8.22 -21.20
N TYR A 398 0.28 8.04 -20.62
CA TYR A 398 1.38 7.41 -21.34
C TYR A 398 1.66 6.00 -20.82
N PRO A 399 1.25 4.98 -21.57
CA PRO A 399 1.43 3.56 -21.23
C PRO A 399 2.83 3.17 -20.80
N ALA A 400 3.83 3.84 -21.37
CA ALA A 400 5.23 3.56 -21.06
C ALA A 400 5.56 3.66 -19.59
N LEU A 401 4.95 4.63 -18.91
CA LEU A 401 5.18 4.86 -17.49
C LEU A 401 4.57 3.77 -16.63
N ARG A 402 3.84 2.86 -17.27
CA ARG A 402 3.22 1.78 -16.52
C ARG A 402 3.93 0.47 -16.82
N THR A 403 4.06 0.14 -18.09
CA THR A 403 4.71 -1.11 -18.46
C THR A 403 5.92 -0.99 -19.39
N GLY A 404 6.45 0.22 -19.55
CA GLY A 404 7.62 0.40 -20.40
C GLY A 404 8.84 -0.04 -19.61
N ASP A 405 10.00 -0.14 -20.26
CA ASP A 405 11.19 -0.56 -19.54
C ASP A 405 11.78 0.64 -18.81
N TYR A 406 12.73 0.35 -17.92
CA TYR A 406 13.40 1.37 -17.13
C TYR A 406 14.89 1.35 -17.47
N GLN A 407 15.37 2.48 -18.00
CA GLN A 407 16.78 2.63 -18.41
C GLN A 407 17.37 3.90 -17.80
N VAL A 408 18.48 3.77 -17.07
CA VAL A 408 19.13 4.94 -16.45
C VAL A 408 20.05 5.62 -17.47
N LEU A 409 19.78 6.89 -17.76
CA LEU A 409 20.57 7.65 -18.74
C LEU A 409 21.72 8.43 -18.12
N TYR A 410 21.42 9.14 -17.04
CA TYR A 410 22.41 9.94 -16.35
C TYR A 410 22.15 9.81 -14.85
N ALA A 411 23.22 9.87 -14.06
CA ALA A 411 23.09 9.77 -12.62
C ALA A 411 24.39 10.18 -11.95
N GLN A 412 24.63 11.48 -11.89
CA GLN A 412 25.84 11.99 -11.29
C GLN A 412 25.51 13.16 -10.39
N GLY A 413 26.20 13.23 -9.26
CA GLY A 413 25.96 14.29 -8.32
C GLY A 413 24.61 14.08 -7.69
N GLN A 414 23.72 15.06 -7.84
CA GLN A 414 22.39 15.00 -7.28
C GLN A 414 21.37 15.02 -8.43
N LEU A 415 21.85 14.70 -9.64
CA LEU A 415 20.99 14.68 -10.82
C LEU A 415 20.79 13.25 -11.33
N TYR A 416 19.54 12.90 -11.62
CA TYR A 416 19.19 11.56 -12.05
C TYR A 416 18.24 11.56 -13.23
N LEU A 417 18.57 10.81 -14.27
CA LEU A 417 17.72 10.73 -15.46
C LEU A 417 17.53 9.30 -15.92
N PHE A 418 16.28 8.87 -15.99
CA PHE A 418 15.97 7.55 -16.44
C PHE A 418 14.98 7.68 -17.57
N ALA A 419 14.72 6.57 -18.25
CA ALA A 419 13.81 6.60 -19.38
C ALA A 419 12.84 5.44 -19.37
N ARG A 420 11.56 5.74 -19.50
CA ARG A 420 10.54 4.70 -19.55
C ARG A 420 10.19 4.60 -21.02
N THR A 421 10.31 3.41 -21.58
CA THR A 421 10.02 3.23 -23.00
C THR A 421 9.23 1.97 -23.28
N LEU A 422 8.14 2.14 -24.02
CA LEU A 422 7.29 1.04 -24.44
C LEU A 422 6.96 1.32 -25.88
N GLY A 423 7.34 0.40 -26.75
CA GLY A 423 7.07 0.60 -28.16
C GLY A 423 7.95 1.72 -28.66
N THR A 424 7.35 2.67 -29.36
CA THR A 424 8.09 3.81 -29.89
C THR A 424 7.88 5.02 -28.99
N GLU A 425 7.16 4.80 -27.89
CA GLU A 425 6.91 5.85 -26.93
C GLU A 425 8.05 5.81 -25.90
N GLU A 426 8.81 6.89 -25.86
CA GLU A 426 9.94 6.99 -24.94
C GLU A 426 9.78 8.23 -24.08
N LEU A 427 10.06 8.07 -22.79
CA LEU A 427 9.94 9.19 -21.88
C LEU A 427 11.20 9.36 -21.06
N ILE A 428 11.54 10.62 -20.79
CA ILE A 428 12.71 10.92 -19.99
C ILE A 428 12.25 11.63 -18.72
N ILE A 429 12.63 11.07 -17.58
CA ILE A 429 12.27 11.62 -16.30
C ILE A 429 13.57 12.08 -15.65
N ALA A 430 13.58 13.31 -15.16
CA ALA A 430 14.77 13.84 -14.53
C ALA A 430 14.43 14.44 -13.17
N ILE A 431 15.27 14.11 -12.19
CA ILE A 431 15.10 14.61 -10.85
C ILE A 431 16.37 15.34 -10.48
N ASN A 432 16.23 16.55 -9.95
CA ASN A 432 17.37 17.34 -9.51
C ASN A 432 17.25 17.51 -8.01
N ALA A 433 17.82 16.57 -7.26
CA ALA A 433 17.74 16.63 -5.80
C ALA A 433 18.47 17.85 -5.22
N GLY A 434 19.58 18.20 -5.86
CA GLY A 434 20.38 19.32 -5.41
C GLY A 434 19.67 20.64 -5.16
N THR A 435 20.41 21.57 -4.56
CA THR A 435 19.90 22.91 -4.24
C THR A 435 20.39 23.98 -5.19
N SER A 436 21.20 23.57 -6.17
CA SER A 436 21.75 24.48 -7.15
C SER A 436 21.29 24.02 -8.51
N SER A 437 20.62 24.90 -9.26
CA SER A 437 20.16 24.54 -10.59
C SER A 437 21.24 23.69 -11.26
N ALA A 438 20.90 22.46 -11.63
CA ALA A 438 21.87 21.57 -12.26
C ALA A 438 21.69 21.41 -13.76
N THR A 439 22.74 20.95 -14.42
CA THR A 439 22.70 20.76 -15.85
C THR A 439 23.62 19.59 -16.22
N ALA A 440 23.16 18.77 -17.16
CA ALA A 440 23.93 17.60 -17.57
C ALA A 440 23.83 17.30 -19.07
N ASN A 441 24.95 16.83 -19.62
CA ASN A 441 25.01 16.45 -21.03
C ASN A 441 24.99 14.93 -21.01
N VAL A 442 24.05 14.35 -21.74
CA VAL A 442 23.91 12.91 -21.79
C VAL A 442 23.97 12.34 -23.20
N ASP A 443 24.66 11.21 -23.34
CA ASP A 443 24.79 10.53 -24.61
C ASP A 443 23.58 9.60 -24.65
N VAL A 444 22.55 10.03 -25.37
CA VAL A 444 21.33 9.25 -25.48
C VAL A 444 21.29 8.45 -26.77
N ALA A 445 22.09 7.39 -26.82
CA ALA A 445 22.14 6.52 -27.98
C ALA A 445 21.08 5.43 -27.88
N SER A 446 20.51 5.27 -26.68
CA SER A 446 19.48 4.27 -26.44
C SER A 446 18.19 4.63 -27.17
N LEU A 447 17.71 5.84 -26.90
CA LEU A 447 16.47 6.33 -27.49
C LEU A 447 16.48 6.35 -29.01
N HIS A 448 15.29 6.29 -29.58
CA HIS A 448 15.08 6.29 -31.03
C HIS A 448 14.33 7.54 -31.41
N THR A 449 13.86 8.27 -30.41
CA THR A 449 13.11 9.50 -30.62
C THR A 449 13.78 10.60 -29.80
N GLN A 450 13.20 11.79 -29.78
CA GLN A 450 13.77 12.89 -29.01
C GLN A 450 12.75 13.65 -28.18
N PRO A 451 12.46 13.17 -26.95
CA PRO A 451 11.50 13.82 -26.07
C PRO A 451 11.85 15.28 -25.93
N ASN A 452 11.06 16.14 -26.59
CA ASN A 452 11.37 17.56 -26.67
C ASN A 452 10.37 18.41 -25.89
N LYS A 453 9.20 17.84 -25.61
CA LYS A 453 8.10 18.60 -25.03
C LYS A 453 7.97 18.33 -23.54
N LEU A 454 7.88 19.40 -22.76
CA LEU A 454 7.73 19.29 -21.31
C LEU A 454 6.29 18.91 -20.95
N LEU A 455 6.04 17.62 -20.76
CA LEU A 455 5.12 17.15 -19.74
C LEU A 455 5.67 17.42 -18.34
N TYR A 456 4.85 18.04 -17.50
CA TYR A 456 5.22 18.30 -16.11
C TYR A 456 6.47 19.17 -16.03
N GLY A 457 7.49 18.68 -15.32
CA GLY A 457 8.32 19.54 -14.50
C GLY A 457 9.14 20.51 -15.31
N THR A 458 8.99 21.80 -15.02
CA THR A 458 9.37 22.86 -15.95
C THR A 458 10.89 23.03 -16.00
N ALA A 459 11.55 22.16 -16.73
CA ALA A 459 12.91 22.41 -17.20
C ALA A 459 13.05 23.86 -17.69
N GLU A 460 14.26 24.40 -17.57
CA GLU A 460 14.80 25.31 -18.57
C GLU A 460 15.79 24.60 -19.49
N ALA A 461 16.64 23.76 -18.88
CA ALA A 461 17.58 22.95 -19.65
C ALA A 461 16.84 21.97 -20.55
N GLU A 462 17.35 21.81 -21.77
CA GLU A 462 16.77 20.87 -22.72
C GLU A 462 17.80 20.37 -23.72
N TRP A 463 18.57 21.30 -24.30
CA TRP A 463 18.93 21.23 -25.71
C TRP A 463 19.41 19.83 -26.08
N ASN A 464 19.27 19.48 -27.36
CA ASN A 464 18.75 18.17 -27.73
C ASN A 464 19.34 17.67 -29.05
N GLY A 465 19.79 18.61 -29.87
CA GLY A 465 20.88 18.35 -30.79
C GLY A 465 20.50 17.39 -31.91
N GLU A 466 21.47 16.65 -32.40
CA GLU A 466 21.35 15.98 -33.69
C GLU A 466 20.84 14.55 -33.54
N GLU A 467 20.77 13.82 -34.65
CA GLU A 467 20.14 12.51 -34.66
C GLU A 467 21.14 11.43 -35.08
N GLY A 468 22.32 11.86 -35.50
CA GLY A 468 23.50 11.01 -35.45
C GLY A 468 23.93 10.69 -34.03
N THR A 469 23.33 9.64 -33.47
CA THR A 469 23.77 9.12 -32.18
C THR A 469 23.54 10.14 -31.07
N GLN A 470 22.28 10.38 -30.74
CA GLN A 470 21.81 11.73 -30.42
C GLN A 470 22.47 12.25 -29.15
N GLN A 471 22.13 13.48 -28.77
CA GLN A 471 22.97 14.27 -27.89
C GLN A 471 22.15 15.26 -27.07
N LEU A 472 22.03 15.00 -25.77
CA LEU A 472 21.07 15.69 -24.93
C LEU A 472 21.76 16.46 -23.81
N SER A 473 21.15 17.57 -23.40
CA SER A 473 21.68 18.38 -22.30
C SER A 473 20.53 19.02 -21.55
N LEU A 474 20.32 18.60 -20.30
CA LEU A 474 19.24 19.13 -19.47
C LEU A 474 19.74 20.09 -18.39
N THR A 475 18.85 20.98 -17.97
CA THR A 475 19.14 21.96 -16.92
C THR A 475 17.86 22.16 -16.14
N LEU A 476 17.84 21.64 -14.92
CA LEU A 476 16.66 21.77 -14.07
C LEU A 476 16.94 22.65 -12.87
N PRO A 477 15.93 23.40 -12.42
CA PRO A 477 16.11 24.27 -11.26
C PRO A 477 16.46 23.37 -10.08
N ALA A 478 17.00 23.95 -9.01
CA ALA A 478 17.34 23.13 -7.85
C ALA A 478 16.05 22.51 -7.33
N ARG A 479 16.17 21.32 -6.77
CA ARG A 479 15.03 20.60 -6.22
C ARG A 479 13.81 20.67 -7.11
N SER A 480 13.95 20.12 -8.32
CA SER A 480 12.87 20.08 -9.29
C SER A 480 12.92 18.76 -10.04
N GLY A 481 11.89 18.52 -10.82
CA GLY A 481 11.82 17.31 -11.60
C GLY A 481 11.00 17.62 -12.82
N CYS A 482 10.99 16.74 -13.80
CA CYS A 482 10.23 17.00 -15.01
C CYS A 482 10.08 15.74 -15.83
N ILE A 483 9.11 15.76 -16.74
CA ILE A 483 8.87 14.62 -17.60
C ILE A 483 8.88 15.11 -19.04
N LEU A 484 9.73 14.47 -19.85
CA LEU A 484 9.88 14.82 -21.25
C LEU A 484 9.25 13.80 -22.17
N GLY A 485 8.43 14.29 -23.09
CA GLY A 485 7.77 13.41 -24.04
C GLY A 485 7.64 13.93 -25.46
N THR A 486 6.61 13.44 -26.15
CA THR A 486 6.32 13.77 -27.53
C THR A 486 7.42 13.25 -28.44
N GLY A 487 8.54 13.80 -28.38
#